data_2O2M
#
_entry.id   2O2M
#
loop_
_entity.id
_entity.type
_entity.pdbx_description
1 polymer 'Apoptosis regulator Bcl-X'
2 non-polymer 4-(4-BENZYL-4-METHOXYPIPERIDIN-1-YL)-N-[(4-{[1,1-DIMETHYL-2-(PHENYLTHIO)ETHYL]AMINO}-3-NITROPHENYL)SULFONYL]BENZAMIDE
#
_entity_poly.entity_id   1
_entity_poly.type   'polypeptide(L)'
_entity_poly.pdbx_seq_one_letter_code
;SQSNRELVVDFLSYKLSQKGYSAGGGGGGGGMAAVKQALREAGDEFELRYRRAFSDLTSQLHITPGTAYQSFEQVVNELF
RDGVNWGRIVAFFSFGGALCVESVDKEMQVLVSRIAAWMATYLNDHLEPWIQENGGWDTFVELYG
;
_entity_poly.pdbx_strand_id   A
#
# COMPACT_ATOMS: atom_id res chain seq x y z
N SER A 1 -7.89 -4.18 -11.93
CA SER A 1 -9.23 -4.38 -11.32
C SER A 1 -9.33 -5.72 -10.60
N GLN A 2 -9.83 -5.70 -9.37
CA GLN A 2 -9.96 -6.90 -8.57
C GLN A 2 -8.60 -7.42 -8.12
N SER A 3 -7.78 -7.84 -9.08
CA SER A 3 -6.45 -8.35 -8.78
C SER A 3 -5.70 -7.43 -7.82
N ASN A 4 -5.50 -6.18 -8.25
CA ASN A 4 -4.81 -5.19 -7.44
C ASN A 4 -5.46 -5.09 -6.06
N ARG A 5 -6.78 -5.16 -6.03
CA ARG A 5 -7.53 -5.07 -4.78
C ARG A 5 -7.07 -6.15 -3.80
N GLU A 6 -6.87 -7.36 -4.31
CA GLU A 6 -6.44 -8.47 -3.48
C GLU A 6 -5.09 -8.19 -2.83
N LEU A 7 -4.18 -7.61 -3.61
CA LEU A 7 -2.85 -7.27 -3.12
C LEU A 7 -2.93 -6.34 -1.91
N VAL A 8 -3.79 -5.32 -2.01
CA VAL A 8 -3.96 -4.37 -0.93
C VAL A 8 -4.29 -5.08 0.38
N VAL A 9 -5.43 -5.77 0.41
CA VAL A 9 -5.86 -6.49 1.59
C VAL A 9 -4.72 -7.35 2.16
N ASP A 10 -4.01 -8.03 1.26
CA ASP A 10 -2.90 -8.89 1.66
C ASP A 10 -1.80 -8.06 2.33
N PHE A 11 -1.31 -7.05 1.63
CA PHE A 11 -0.26 -6.19 2.16
C PHE A 11 -0.69 -5.56 3.48
N LEU A 12 -1.95 -5.15 3.55
CA LEU A 12 -2.49 -4.53 4.75
C LEU A 12 -2.46 -5.50 5.92
N SER A 13 -3.19 -6.61 5.79
CA SER A 13 -3.24 -7.62 6.84
C SER A 13 -1.84 -8.00 7.29
N TYR A 14 -0.91 -8.05 6.34
CA TYR A 14 0.49 -8.39 6.64
C TYR A 14 1.12 -7.33 7.54
N LYS A 15 1.05 -6.08 7.12
CA LYS A 15 1.62 -4.98 7.88
C LYS A 15 1.06 -4.95 9.31
N LEU A 16 -0.21 -5.33 9.43
CA LEU A 16 -0.87 -5.34 10.73
C LEU A 16 -0.35 -6.51 11.58
N SER A 17 -0.27 -7.68 10.97
CA SER A 17 0.21 -8.87 11.67
C SER A 17 1.61 -8.65 12.23
N GLN A 18 2.39 -7.80 11.55
CA GLN A 18 3.75 -7.50 11.99
C GLN A 18 3.73 -6.81 13.35
N LYS A 19 2.66 -6.07 13.62
CA LYS A 19 2.53 -5.36 14.90
C LYS A 19 1.72 -6.16 15.92
N GLY A 20 1.50 -7.45 15.64
CA GLY A 20 0.74 -8.27 16.56
C GLY A 20 -0.73 -8.39 16.19
N TYR A 21 -1.33 -7.26 15.82
CA TYR A 21 -2.74 -7.24 15.43
C TYR A 21 -3.03 -8.25 14.34
N SER A 22 -4.26 -8.24 13.84
CA SER A 22 -4.67 -9.17 12.78
C SER A 22 -5.78 -8.57 11.93
N ALA A 23 -6.23 -9.33 10.93
CA ALA A 23 -7.29 -8.87 10.04
C ALA A 23 -7.51 -9.85 8.91
N GLY A 24 -8.36 -9.47 7.96
CA GLY A 24 -8.64 -10.33 6.82
C GLY A 24 -7.41 -10.60 5.97
N GLY A 25 -6.65 -11.62 6.36
CA GLY A 25 -5.45 -11.96 5.61
C GLY A 25 -5.76 -12.55 4.25
N GLY A 26 -4.84 -12.39 3.31
CA GLY A 26 -5.03 -12.91 1.97
C GLY A 26 -3.74 -13.39 1.34
N GLY A 27 -3.05 -14.30 2.01
CA GLY A 27 -1.80 -14.83 1.50
C GLY A 27 -2.00 -15.95 0.50
N GLY A 28 -3.09 -16.70 0.66
CA GLY A 28 -3.37 -17.79 -0.24
C GLY A 28 -4.85 -17.89 -0.58
N GLY A 29 -5.54 -16.75 -0.56
CA GLY A 29 -6.95 -16.73 -0.87
C GLY A 29 -7.22 -16.70 -2.36
N GLY A 30 -6.78 -15.63 -3.01
CA GLY A 30 -6.99 -15.50 -4.44
C GLY A 30 -5.84 -16.09 -5.24
N GLY A 31 -5.27 -15.28 -6.14
CA GLY A 31 -4.17 -15.75 -6.96
C GLY A 31 -2.89 -14.98 -6.69
N MET A 32 -2.19 -14.60 -7.75
CA MET A 32 -0.94 -13.85 -7.63
C MET A 32 0.13 -14.68 -6.92
N ALA A 33 0.04 -14.75 -5.60
CA ALA A 33 1.00 -15.50 -4.81
C ALA A 33 2.39 -14.86 -4.87
N ALA A 34 3.12 -15.15 -5.95
CA ALA A 34 4.45 -14.60 -6.12
C ALA A 34 4.47 -13.09 -5.93
N VAL A 35 3.51 -12.41 -6.55
CA VAL A 35 3.41 -10.96 -6.44
C VAL A 35 3.26 -10.53 -4.99
N LYS A 36 2.29 -11.13 -4.29
CA LYS A 36 2.05 -10.81 -2.89
C LYS A 36 3.33 -10.88 -2.08
N GLN A 37 4.11 -11.93 -2.31
CA GLN A 37 5.37 -12.12 -1.59
C GLN A 37 6.39 -11.06 -2.00
N ALA A 38 6.58 -10.90 -3.31
CA ALA A 38 7.52 -9.92 -3.84
C ALA A 38 7.25 -8.55 -3.26
N LEU A 39 5.98 -8.17 -3.19
CA LEU A 39 5.59 -6.87 -2.65
C LEU A 39 5.78 -6.83 -1.14
N ARG A 40 5.57 -7.97 -0.49
CA ARG A 40 5.72 -8.07 0.96
C ARG A 40 7.15 -7.74 1.38
N GLU A 41 8.11 -8.49 0.84
CA GLU A 41 9.52 -8.29 1.16
C GLU A 41 9.98 -6.89 0.77
N ALA A 42 9.60 -6.46 -0.42
CA ALA A 42 9.97 -5.14 -0.92
C ALA A 42 9.64 -4.06 0.10
N GLY A 43 8.37 -4.01 0.52
CA GLY A 43 7.95 -3.03 1.50
C GLY A 43 8.74 -3.10 2.77
N ASP A 44 9.24 -4.28 3.10
CA ASP A 44 10.01 -4.48 4.32
C ASP A 44 11.41 -3.89 4.18
N GLU A 45 12.05 -4.19 3.05
CA GLU A 45 13.40 -3.69 2.79
C GLU A 45 13.37 -2.20 2.46
N PHE A 46 12.36 -1.78 1.72
CA PHE A 46 12.23 -0.38 1.33
C PHE A 46 12.24 0.53 2.56
N GLU A 47 11.32 0.27 3.48
CA GLU A 47 11.22 1.06 4.71
C GLU A 47 12.52 1.00 5.50
N LEU A 48 13.17 -0.16 5.48
CA LEU A 48 14.42 -0.34 6.19
C LEU A 48 15.48 0.64 5.70
N ARG A 49 15.52 0.84 4.39
CA ARG A 49 16.49 1.76 3.79
C ARG A 49 16.09 3.21 4.03
N TYR A 50 14.87 3.55 3.67
CA TYR A 50 14.36 4.91 3.84
C TYR A 50 13.53 5.02 5.11
N ARG A 51 14.11 4.61 6.23
CA ARG A 51 13.42 4.66 7.52
C ARG A 51 13.12 6.10 7.92
N ARG A 52 13.96 7.03 7.46
CA ARG A 52 13.78 8.45 7.76
C ARG A 52 12.74 9.08 6.85
N ALA A 53 12.98 9.03 5.55
CA ALA A 53 12.05 9.61 4.58
C ALA A 53 10.62 9.20 4.86
N PHE A 54 10.34 7.91 4.74
CA PHE A 54 9.00 7.39 4.98
C PHE A 54 8.43 7.93 6.29
N SER A 55 9.24 7.90 7.34
CA SER A 55 8.82 8.38 8.65
C SER A 55 8.14 9.75 8.52
N ASP A 56 8.60 10.53 7.55
CA ASP A 56 8.03 11.86 7.31
C ASP A 56 6.72 11.74 6.55
N LEU A 57 6.66 10.79 5.63
CA LEU A 57 5.45 10.57 4.83
C LEU A 57 4.25 10.30 5.73
N THR A 58 4.35 9.26 6.54
CA THR A 58 3.27 8.90 7.46
C THR A 58 2.85 10.10 8.31
N SER A 59 3.82 10.98 8.59
CA SER A 59 3.55 12.17 9.39
C SER A 59 2.85 13.26 8.57
N GLN A 60 2.75 13.06 7.25
CA GLN A 60 2.11 14.04 6.38
C GLN A 60 0.67 13.65 6.09
N LEU A 61 0.04 12.94 7.02
CA LEU A 61 -1.34 12.52 6.86
C LEU A 61 -1.84 11.81 8.11
N HIS A 62 -2.88 12.37 8.73
CA HIS A 62 -3.46 11.80 9.93
C HIS A 62 -4.90 11.34 9.65
N ILE A 63 -5.03 10.20 8.98
CA ILE A 63 -6.34 9.65 8.64
C ILE A 63 -7.28 9.69 9.85
N THR A 64 -8.48 10.23 9.63
CA THR A 64 -9.47 10.33 10.69
C THR A 64 -10.88 10.12 10.13
N PRO A 65 -11.85 9.85 11.02
CA PRO A 65 -13.24 9.62 10.62
C PRO A 65 -13.79 10.76 9.74
N GLY A 66 -13.23 11.95 9.93
CA GLY A 66 -13.68 13.09 9.16
C GLY A 66 -12.67 13.50 8.09
N THR A 67 -12.04 12.51 7.47
CA THR A 67 -11.06 12.76 6.43
C THR A 67 -11.57 12.37 5.06
N ALA A 68 -11.47 13.29 4.10
CA ALA A 68 -11.95 13.03 2.74
C ALA A 68 -10.87 12.33 1.91
N TYR A 69 -11.31 11.41 1.06
CA TYR A 69 -10.39 10.65 0.21
C TYR A 69 -9.45 11.60 -0.54
N GLN A 70 -9.94 12.80 -0.85
CA GLN A 70 -9.13 13.78 -1.56
C GLN A 70 -7.80 14.03 -0.86
N SER A 71 -7.87 14.31 0.44
CA SER A 71 -6.67 14.56 1.22
C SER A 71 -5.65 13.45 1.03
N PHE A 72 -6.14 12.21 0.96
CA PHE A 72 -5.26 11.06 0.77
C PHE A 72 -4.57 11.11 -0.58
N GLU A 73 -5.37 11.14 -1.65
CA GLU A 73 -4.85 11.19 -3.01
C GLU A 73 -3.90 12.36 -3.19
N GLN A 74 -4.12 13.43 -2.42
CA GLN A 74 -3.28 14.62 -2.50
C GLN A 74 -1.88 14.35 -1.97
N VAL A 75 -1.79 13.51 -0.94
CA VAL A 75 -0.51 13.16 -0.34
C VAL A 75 0.19 12.03 -1.09
N VAL A 76 -0.56 11.30 -1.92
CA VAL A 76 -0.01 10.20 -2.69
C VAL A 76 0.54 10.65 -4.04
N ASN A 77 0.08 11.83 -4.51
CA ASN A 77 0.53 12.36 -5.78
C ASN A 77 1.93 12.96 -5.69
N GLU A 78 2.23 13.58 -4.56
CA GLU A 78 3.54 14.21 -4.34
C GLU A 78 4.67 13.23 -4.65
N LEU A 79 4.48 11.96 -4.26
CA LEU A 79 5.50 10.95 -4.51
C LEU A 79 5.57 10.60 -5.99
N PHE A 80 4.41 10.53 -6.64
CA PHE A 80 4.35 10.22 -8.06
C PHE A 80 4.26 11.48 -8.90
N ARG A 81 4.80 12.58 -8.38
CA ARG A 81 4.78 13.85 -9.09
C ARG A 81 5.85 13.89 -10.18
N ASP A 82 6.95 13.19 -9.95
CA ASP A 82 8.04 13.14 -10.91
C ASP A 82 8.06 11.80 -11.65
N GLY A 83 6.88 11.36 -12.10
CA GLY A 83 6.79 10.11 -12.82
C GLY A 83 6.62 8.92 -11.89
N VAL A 84 6.07 7.83 -12.41
CA VAL A 84 5.86 6.62 -11.63
C VAL A 84 7.00 5.64 -11.81
N ASN A 85 7.23 4.80 -10.80
CA ASN A 85 8.29 3.81 -10.85
C ASN A 85 8.05 2.68 -9.83
N TRP A 86 8.51 1.49 -10.16
CA TRP A 86 8.34 0.32 -9.29
C TRP A 86 8.65 0.66 -7.84
N GLY A 87 9.77 1.32 -7.61
CA GLY A 87 10.15 1.68 -6.26
C GLY A 87 9.16 2.61 -5.58
N ARG A 88 9.02 3.81 -6.13
CA ARG A 88 8.09 4.79 -5.57
C ARG A 88 6.74 4.16 -5.29
N ILE A 89 6.38 3.16 -6.12
CA ILE A 89 5.12 2.45 -5.95
C ILE A 89 5.16 1.61 -4.68
N VAL A 90 6.25 0.86 -4.52
CA VAL A 90 6.42 0.01 -3.35
C VAL A 90 6.15 0.81 -2.07
N ALA A 91 6.42 2.11 -2.11
CA ALA A 91 6.21 2.97 -0.97
C ALA A 91 4.72 3.21 -0.74
N PHE A 92 3.98 3.43 -1.82
CA PHE A 92 2.55 3.66 -1.73
C PHE A 92 1.89 2.61 -0.86
N PHE A 93 2.23 1.35 -1.10
CA PHE A 93 1.68 0.25 -0.33
C PHE A 93 2.09 0.36 1.14
N SER A 94 3.31 0.80 1.37
CA SER A 94 3.83 0.97 2.73
C SER A 94 3.14 2.15 3.41
N PHE A 95 2.87 3.20 2.63
CA PHE A 95 2.22 4.39 3.15
C PHE A 95 0.83 4.04 3.71
N GLY A 96 0.07 3.29 2.94
CA GLY A 96 -1.26 2.88 3.36
C GLY A 96 -1.21 2.04 4.63
N GLY A 97 -0.22 1.15 4.70
CA GLY A 97 -0.09 0.30 5.85
C GLY A 97 0.16 1.09 7.13
N ALA A 98 1.09 2.05 7.04
CA ALA A 98 1.42 2.89 8.19
C ALA A 98 0.17 3.58 8.73
N LEU A 99 -0.56 4.25 7.83
CA LEU A 99 -1.78 4.95 8.21
C LEU A 99 -2.72 4.00 8.95
N CYS A 100 -2.79 2.76 8.47
CA CYS A 100 -3.65 1.76 9.09
C CYS A 100 -3.16 1.42 10.48
N VAL A 101 -1.89 1.05 10.59
CA VAL A 101 -1.29 0.70 11.88
C VAL A 101 -1.57 1.80 12.91
N GLU A 102 -1.60 3.04 12.44
CA GLU A 102 -1.86 4.17 13.32
C GLU A 102 -3.33 4.22 13.71
N SER A 103 -4.20 3.82 12.79
CA SER A 103 -5.63 3.81 13.04
C SER A 103 -5.99 2.79 14.11
N VAL A 104 -5.20 1.74 14.23
CA VAL A 104 -5.44 0.70 15.23
C VAL A 104 -4.93 1.12 16.60
N ASP A 105 -3.89 1.96 16.62
CA ASP A 105 -3.32 2.43 17.87
C ASP A 105 -4.29 3.36 18.60
N LYS A 106 -5.11 4.07 17.83
CA LYS A 106 -6.08 5.00 18.41
C LYS A 106 -7.45 4.35 18.50
N GLU A 107 -7.47 3.03 18.66
CA GLU A 107 -8.73 2.30 18.78
C GLU A 107 -9.70 2.69 17.66
N MET A 108 -9.31 2.40 16.42
CA MET A 108 -10.14 2.72 15.27
C MET A 108 -9.88 1.72 14.13
N GLN A 109 -10.27 0.47 14.35
CA GLN A 109 -10.08 -0.57 13.36
C GLN A 109 -11.13 -0.50 12.24
N VAL A 110 -12.07 0.43 12.35
CA VAL A 110 -13.11 0.59 11.33
C VAL A 110 -12.66 1.49 10.18
N LEU A 111 -11.41 1.98 10.23
CA LEU A 111 -10.90 2.85 9.18
C LEU A 111 -10.11 2.04 8.15
N VAL A 112 -9.39 1.03 8.63
CA VAL A 112 -8.59 0.19 7.75
C VAL A 112 -9.42 -0.28 6.55
N SER A 113 -10.71 -0.50 6.80
CA SER A 113 -11.63 -0.95 5.74
C SER A 113 -11.77 0.13 4.68
N ARG A 114 -11.75 1.39 5.11
CA ARG A 114 -11.88 2.51 4.20
C ARG A 114 -10.55 2.79 3.50
N ILE A 115 -9.47 2.73 4.27
CA ILE A 115 -8.14 2.98 3.72
C ILE A 115 -7.83 1.99 2.60
N ALA A 116 -8.22 0.74 2.80
CA ALA A 116 -7.98 -0.30 1.81
C ALA A 116 -8.70 0.02 0.51
N ALA A 117 -9.90 0.57 0.61
CA ALA A 117 -10.70 0.93 -0.55
C ALA A 117 -10.07 2.11 -1.28
N TRP A 118 -9.65 3.12 -0.52
CA TRP A 118 -9.03 4.30 -1.09
C TRP A 118 -7.82 3.93 -1.93
N MET A 119 -7.02 2.99 -1.42
CA MET A 119 -5.84 2.53 -2.13
C MET A 119 -6.22 1.82 -3.42
N ALA A 120 -7.32 1.08 -3.37
CA ALA A 120 -7.80 0.35 -4.54
C ALA A 120 -8.19 1.32 -5.66
N THR A 121 -8.91 2.37 -5.31
CA THR A 121 -9.35 3.37 -6.27
C THR A 121 -8.15 4.08 -6.89
N TYR A 122 -7.21 4.50 -6.03
CA TYR A 122 -6.02 5.19 -6.49
C TYR A 122 -5.18 4.29 -7.39
N LEU A 123 -5.22 2.99 -7.10
CA LEU A 123 -4.46 2.02 -7.88
C LEU A 123 -5.13 1.77 -9.24
N ASN A 124 -6.45 1.84 -9.25
CA ASN A 124 -7.20 1.63 -10.49
C ASN A 124 -7.62 2.96 -11.11
N ASP A 125 -6.73 3.94 -11.04
CA ASP A 125 -6.99 5.26 -11.59
C ASP A 125 -5.78 6.17 -11.43
N HIS A 126 -4.59 5.59 -11.61
CA HIS A 126 -3.35 6.35 -11.49
C HIS A 126 -2.13 5.44 -11.65
N LEU A 127 -2.25 4.21 -11.16
CA LEU A 127 -1.15 3.24 -11.24
C LEU A 127 -1.48 2.14 -12.23
N GLU A 128 -2.74 1.75 -12.31
CA GLU A 128 -3.18 0.70 -13.22
C GLU A 128 -2.74 1.00 -14.66
N PRO A 129 -3.01 2.22 -15.16
CA PRO A 129 -2.63 2.60 -16.53
C PRO A 129 -1.13 2.46 -16.78
N TRP A 130 -0.34 2.72 -15.74
CA TRP A 130 1.11 2.64 -15.86
C TRP A 130 1.58 1.19 -15.74
N ILE A 131 1.16 0.51 -14.68
CA ILE A 131 1.54 -0.88 -14.46
C ILE A 131 1.30 -1.72 -15.71
N GLN A 132 0.23 -1.39 -16.44
CA GLN A 132 -0.11 -2.12 -17.66
C GLN A 132 0.90 -1.83 -18.77
N GLU A 133 1.49 -0.64 -18.74
CA GLU A 133 2.47 -0.25 -19.75
C GLU A 133 3.89 -0.47 -19.25
N ASN A 134 4.07 -1.46 -18.38
CA ASN A 134 5.37 -1.79 -17.84
C ASN A 134 5.53 -3.29 -17.62
N GLY A 135 4.84 -4.08 -18.43
CA GLY A 135 4.91 -5.52 -18.30
C GLY A 135 4.15 -6.04 -17.10
N GLY A 136 3.07 -5.35 -16.74
CA GLY A 136 2.27 -5.77 -15.61
C GLY A 136 3.09 -5.99 -14.36
N TRP A 137 2.53 -6.70 -13.39
CA TRP A 137 3.22 -6.99 -12.13
C TRP A 137 4.30 -8.05 -12.34
N ASP A 138 4.08 -8.94 -13.30
CA ASP A 138 5.03 -10.01 -13.58
C ASP A 138 6.45 -9.48 -13.66
N THR A 139 6.59 -8.26 -14.14
CA THR A 139 7.90 -7.63 -14.28
C THR A 139 8.45 -7.24 -12.91
N PHE A 140 7.58 -6.76 -12.04
CA PHE A 140 7.98 -6.34 -10.70
C PHE A 140 8.55 -7.51 -9.91
N VAL A 141 7.98 -8.69 -10.12
CA VAL A 141 8.43 -9.89 -9.42
C VAL A 141 9.70 -10.45 -10.06
N GLU A 142 9.82 -10.30 -11.38
CA GLU A 142 10.99 -10.78 -12.09
C GLU A 142 12.22 -9.93 -11.78
N LEU A 143 11.99 -8.65 -11.51
CA LEU A 143 13.08 -7.73 -11.20
C LEU A 143 13.29 -7.65 -9.69
N TYR A 144 12.20 -7.51 -8.96
CA TYR A 144 12.28 -7.41 -7.50
C TYR A 144 11.44 -8.50 -6.84
N GLY A 145 11.87 -9.75 -6.99
CA GLY A 145 11.15 -10.86 -6.41
C GLY A 145 11.68 -11.23 -5.03
#